data_1YQE
#
_entry.id   1YQE
#
_cell.length_a   36.294
_cell.length_b   73.787
_cell.length_c   99.232
_cell.angle_alpha   90.00
_cell.angle_beta   90.00
_cell.angle_gamma   90.00
#
_symmetry.space_group_name_H-M   'P 21 21 21'
#
loop_
_entity.id
_entity.type
_entity.pdbx_description
1 polymer 'Hypothetical UPF0204 protein AF0625'
2 non-polymer 'PYROPHOSPHATE 2-'
3 water water
#
_entity_poly.entity_id   1
_entity_poly.type   'polypeptide(L)'
_entity_poly.pdbx_seq_one_letter_code
;FQGHMKLVVCSESDTAGQNIKDNLLTFADFEEKDVGEFKLYLSDEFYIAETKERLIYADHIDEKLAKYIDFEEILFASRH
SSKDGRKIFTVHVSGNVGTADFGGKPYSLAKPSPQTMKNYVLALRERLDRKPEFEFTMEVTHHGPSEISKPSAFYEIGST
EEEWKDREAAEVVAEAMLDAIRAEKMDWNVAVGVGGTHYAPRQTEIMLTTTFTFGHNFAKYTFEHLTAEFLVKAVKLSEA
EYIIIDEKSVNSAVKKIVNEAAEVAGVEVLKSKKVKKDFRLV
;
_entity_poly.pdbx_strand_id   A
#
# COMPACT_ATOMS: atom_id res chain seq x y z
N PHE A 1 -17.05 -6.71 -12.75
CA PHE A 1 -16.02 -6.78 -13.83
C PHE A 1 -14.78 -6.03 -13.39
N GLN A 2 -13.61 -6.58 -13.73
CA GLN A 2 -12.34 -5.97 -13.34
C GLN A 2 -11.47 -5.45 -14.48
N GLY A 3 -11.87 -5.75 -15.72
CA GLY A 3 -11.06 -5.30 -16.84
C GLY A 3 -9.68 -5.90 -16.66
N HIS A 4 -8.64 -5.19 -17.10
CA HIS A 4 -7.28 -5.70 -16.96
C HIS A 4 -6.27 -4.57 -16.75
N MET A 5 -6.76 -3.33 -16.81
CA MET A 5 -5.89 -2.18 -16.64
C MET A 5 -5.81 -1.69 -15.21
N LYS A 6 -4.70 -1.05 -14.89
CA LYS A 6 -4.47 -0.52 -13.55
C LYS A 6 -4.80 0.96 -13.51
N LEU A 7 -5.31 1.42 -12.37
CA LEU A 7 -5.71 2.81 -12.21
C LEU A 7 -4.96 3.54 -11.10
N VAL A 8 -4.35 4.66 -11.46
CA VAL A 8 -3.63 5.49 -10.50
C VAL A 8 -4.60 6.60 -10.10
N VAL A 9 -4.79 6.79 -8.80
CA VAL A 9 -5.72 7.79 -8.30
C VAL A 9 -5.00 8.84 -7.45
N CYS A 10 -5.29 10.12 -7.71
CA CYS A 10 -4.69 11.20 -6.96
C CYS A 10 -5.72 12.27 -6.61
N SER A 11 -5.35 13.15 -5.68
CA SER A 11 -6.22 14.24 -5.25
C SER A 11 -5.82 15.55 -5.92
N GLU A 12 -6.81 16.30 -6.40
CA GLU A 12 -6.54 17.57 -7.05
C GLU A 12 -5.80 18.55 -6.16
N SER A 13 -6.02 18.48 -4.85
CA SER A 13 -5.36 19.38 -3.91
C SER A 13 -4.11 18.81 -3.25
N ASP A 14 -3.61 17.68 -3.74
CA ASP A 14 -2.40 17.08 -3.16
C ASP A 14 -1.19 17.35 -4.05
N THR A 15 -0.29 18.20 -3.58
CA THR A 15 0.91 18.54 -4.32
C THR A 15 1.71 17.30 -4.77
N ALA A 16 1.94 16.38 -3.85
CA ALA A 16 2.69 15.17 -4.17
C ALA A 16 1.95 14.37 -5.24
N GLY A 17 0.65 14.17 -5.02
CA GLY A 17 -0.15 13.43 -5.98
C GLY A 17 -0.12 14.05 -7.36
N GLN A 18 -0.19 15.39 -7.40
CA GLN A 18 -0.18 16.11 -8.66
C GLN A 18 1.15 15.98 -9.41
N ASN A 19 2.27 16.07 -8.70
CA ASN A 19 3.56 15.94 -9.35
C ASN A 19 3.76 14.53 -9.88
N ILE A 20 3.26 13.54 -9.13
CA ILE A 20 3.37 12.16 -9.55
C ILE A 20 2.55 12.03 -10.82
N LYS A 21 1.36 12.63 -10.81
CA LYS A 21 0.47 12.60 -11.96
C LYS A 21 1.13 13.18 -13.20
N ASP A 22 1.72 14.37 -13.06
CA ASP A 22 2.38 15.02 -14.19
C ASP A 22 3.45 14.13 -14.83
N ASN A 23 4.18 13.39 -14.00
CA ASN A 23 5.22 12.50 -14.52
C ASN A 23 4.62 11.29 -15.22
N LEU A 24 3.57 10.73 -14.64
CA LEU A 24 2.88 9.58 -15.19
C LEU A 24 2.27 9.92 -16.56
N LEU A 25 1.87 11.17 -16.73
CA LEU A 25 1.28 11.64 -17.98
C LEU A 25 2.22 11.64 -19.18
N THR A 26 3.52 11.62 -18.92
CA THR A 26 4.49 11.63 -20.02
C THR A 26 4.89 10.21 -20.44
N PHE A 27 4.44 9.22 -19.68
CA PHE A 27 4.76 7.83 -19.96
C PHE A 27 3.92 7.18 -21.05
N ALA A 28 2.87 7.86 -21.48
CA ALA A 28 1.99 7.33 -22.52
C ALA A 28 1.16 8.44 -23.15
N ASP A 29 0.46 8.11 -24.24
CA ASP A 29 -0.38 9.07 -24.94
C ASP A 29 -1.74 9.10 -24.25
N PHE A 30 -1.95 10.09 -23.40
CA PHE A 30 -3.21 10.21 -22.68
C PHE A 30 -4.21 11.17 -23.28
N GLU A 31 -5.48 10.93 -22.98
CA GLU A 31 -6.58 11.76 -23.43
C GLU A 31 -7.45 12.03 -22.21
N GLU A 32 -7.56 13.30 -21.83
CA GLU A 32 -8.36 13.67 -20.66
C GLU A 32 -9.85 13.71 -20.94
N LYS A 33 -10.63 13.27 -19.96
CA LYS A 33 -12.08 13.27 -20.06
C LYS A 33 -12.63 13.58 -18.68
N ASP A 34 -13.58 14.51 -18.62
CA ASP A 34 -14.17 14.87 -17.35
C ASP A 34 -15.59 14.32 -17.25
N VAL A 35 -15.73 13.24 -16.50
CA VAL A 35 -17.03 12.60 -16.30
C VAL A 35 -17.35 12.65 -14.81
N GLY A 36 -18.61 12.87 -14.48
CA GLY A 36 -18.99 12.94 -13.09
C GLY A 36 -18.11 13.92 -12.33
N GLU A 37 -17.73 13.53 -11.11
CA GLU A 37 -16.90 14.36 -10.26
C GLU A 37 -15.40 14.18 -10.53
N PHE A 38 -15.04 13.36 -11.51
CA PHE A 38 -13.63 13.11 -11.79
C PHE A 38 -13.06 13.63 -13.10
N LYS A 39 -11.74 13.64 -13.15
CA LYS A 39 -10.98 14.02 -14.33
C LYS A 39 -10.22 12.75 -14.66
N LEU A 40 -10.61 12.10 -15.75
CA LEU A 40 -9.97 10.85 -16.15
C LEU A 40 -8.98 11.05 -17.28
N TYR A 41 -7.86 10.34 -17.22
CA TYR A 41 -6.84 10.40 -18.25
C TYR A 41 -6.70 8.98 -18.75
N LEU A 42 -7.00 8.76 -20.03
CA LEU A 42 -6.95 7.43 -20.62
C LEU A 42 -5.84 7.21 -21.63
N SER A 43 -5.38 5.97 -21.67
CA SER A 43 -4.32 5.55 -22.58
C SER A 43 -4.48 4.03 -22.70
N ASP A 44 -3.70 3.41 -23.56
CA ASP A 44 -3.77 1.96 -23.73
C ASP A 44 -2.80 1.25 -22.80
N GLU A 45 -2.12 2.02 -21.96
CA GLU A 45 -1.15 1.47 -21.02
C GLU A 45 -1.81 1.34 -19.65
N PHE A 46 -2.16 2.47 -19.06
CA PHE A 46 -2.81 2.49 -17.76
C PHE A 46 -3.72 3.72 -17.66
N TYR A 47 -4.48 3.81 -16.57
CA TYR A 47 -5.42 4.90 -16.36
C TYR A 47 -4.99 5.78 -15.20
N ILE A 48 -5.49 7.02 -15.20
CA ILE A 48 -5.23 7.97 -14.12
C ILE A 48 -6.56 8.67 -13.83
N ALA A 49 -6.87 8.84 -12.55
CA ALA A 49 -8.11 9.51 -12.17
C ALA A 49 -7.82 10.56 -11.12
N GLU A 50 -8.40 11.74 -11.32
CA GLU A 50 -8.22 12.84 -10.40
C GLU A 50 -9.56 13.12 -9.73
N THR A 51 -9.54 13.31 -8.42
CA THR A 51 -10.75 13.58 -7.66
C THR A 51 -10.49 14.75 -6.72
N LYS A 52 -11.55 15.47 -6.37
CA LYS A 52 -11.40 16.62 -5.48
C LYS A 52 -11.53 16.17 -4.03
N GLU A 53 -11.84 14.89 -3.84
CA GLU A 53 -11.97 14.35 -2.50
C GLU A 53 -10.63 14.08 -1.84
N ARG A 54 -10.62 14.18 -0.52
CA ARG A 54 -9.42 13.89 0.26
C ARG A 54 -9.40 12.35 0.22
N LEU A 55 -8.30 11.77 -0.22
CA LEU A 55 -8.22 10.30 -0.33
C LEU A 55 -8.59 9.49 0.91
N ILE A 56 -8.09 9.88 2.09
CA ILE A 56 -8.41 9.13 3.30
C ILE A 56 -9.90 9.03 3.60
N TYR A 57 -10.70 9.91 3.01
CA TYR A 57 -12.14 9.88 3.22
C TYR A 57 -12.85 9.37 1.97
N ALA A 58 -12.07 8.94 0.99
CA ALA A 58 -12.62 8.43 -0.28
C ALA A 58 -13.23 7.04 -0.23
N ASP A 59 -13.98 6.71 0.82
CA ASP A 59 -14.63 5.41 0.92
C ASP A 59 -15.51 5.18 -0.32
N HIS A 60 -15.49 3.96 -0.85
CA HIS A 60 -16.28 3.59 -2.03
C HIS A 60 -15.92 4.31 -3.32
N ILE A 61 -14.77 4.97 -3.35
CA ILE A 61 -14.39 5.68 -4.57
C ILE A 61 -14.13 4.72 -5.73
N ASP A 62 -13.80 3.46 -5.43
CA ASP A 62 -13.57 2.49 -6.48
C ASP A 62 -14.87 2.18 -7.21
N GLU A 63 -15.97 2.11 -6.46
CA GLU A 63 -17.28 1.84 -7.04
C GLU A 63 -17.70 3.00 -7.92
N LYS A 64 -17.42 4.22 -7.46
CA LYS A 64 -17.77 5.43 -8.21
C LYS A 64 -17.02 5.51 -9.54
N LEU A 65 -15.72 5.24 -9.50
CA LEU A 65 -14.91 5.29 -10.71
C LEU A 65 -15.22 4.15 -11.67
N ALA A 66 -15.62 3.00 -11.13
CA ALA A 66 -15.92 1.83 -11.95
C ALA A 66 -17.13 2.02 -12.85
N LYS A 67 -17.82 3.14 -12.69
CA LYS A 67 -18.99 3.42 -13.52
C LYS A 67 -18.51 3.90 -14.88
N TYR A 68 -17.33 4.51 -14.93
CA TYR A 68 -16.80 5.05 -16.16
C TYR A 68 -15.68 4.25 -16.83
N ILE A 69 -14.99 3.44 -16.04
CA ILE A 69 -13.90 2.62 -16.57
C ILE A 69 -13.69 1.32 -15.80
N ASP A 70 -13.10 0.34 -16.49
CA ASP A 70 -12.80 -0.95 -15.88
C ASP A 70 -11.34 -0.96 -15.48
N PHE A 71 -11.07 -1.41 -14.26
CA PHE A 71 -9.70 -1.48 -13.75
C PHE A 71 -9.62 -2.59 -12.70
N GLU A 72 -8.49 -3.31 -12.68
CA GLU A 72 -8.30 -4.41 -11.75
C GLU A 72 -7.74 -4.00 -10.40
N GLU A 73 -7.18 -2.81 -10.31
CA GLU A 73 -6.64 -2.35 -9.04
C GLU A 73 -6.37 -0.85 -9.06
N ILE A 74 -6.15 -0.30 -7.87
CA ILE A 74 -5.87 1.11 -7.72
C ILE A 74 -4.55 1.36 -7.02
N LEU A 75 -3.78 2.30 -7.55
CA LEU A 75 -2.53 2.71 -6.93
C LEU A 75 -2.79 4.17 -6.54
N PHE A 76 -3.04 4.41 -5.26
CA PHE A 76 -3.28 5.77 -4.78
C PHE A 76 -1.95 6.47 -4.67
N ALA A 77 -1.85 7.64 -5.30
CA ALA A 77 -0.62 8.44 -5.28
C ALA A 77 -0.92 9.61 -4.35
N SER A 78 -0.17 9.73 -3.27
CA SER A 78 -0.43 10.79 -2.32
C SER A 78 0.80 11.20 -1.52
N ARG A 79 0.67 12.29 -0.78
CA ARG A 79 1.75 12.76 0.05
C ARG A 79 1.63 12.02 1.38
N HIS A 80 2.70 12.05 2.16
CA HIS A 80 2.70 11.44 3.48
C HIS A 80 3.11 12.54 4.46
N SER A 81 2.27 12.80 5.45
CA SER A 81 2.58 13.83 6.43
C SER A 81 3.01 13.20 7.75
N SER A 82 4.15 13.64 8.27
CA SER A 82 4.65 13.10 9.53
C SER A 82 5.41 14.17 10.31
N LYS A 83 5.30 14.11 11.64
CA LYS A 83 5.96 15.06 12.51
C LYS A 83 7.47 14.80 12.60
N ASP A 84 7.92 13.65 12.12
CA ASP A 84 9.34 13.34 12.16
C ASP A 84 10.09 14.10 11.07
N GLY A 85 9.34 14.64 10.12
CA GLY A 85 9.95 15.39 9.03
C GLY A 85 10.97 14.67 8.18
N ARG A 86 11.04 13.34 8.31
CA ARG A 86 12.00 12.55 7.54
C ARG A 86 11.64 12.52 6.06
N LYS A 87 12.65 12.38 5.20
CA LYS A 87 12.42 12.31 3.76
C LYS A 87 12.25 10.83 3.44
N ILE A 88 11.04 10.41 3.11
CA ILE A 88 10.79 9.01 2.83
C ILE A 88 9.79 8.72 1.72
N PHE A 89 9.91 7.51 1.19
CA PHE A 89 8.99 6.99 0.17
C PHE A 89 8.28 5.90 0.97
N THR A 90 6.95 5.88 0.98
CA THR A 90 6.27 4.85 1.73
C THR A 90 5.22 4.09 0.95
N VAL A 91 4.86 2.93 1.49
CA VAL A 91 3.83 2.08 0.93
C VAL A 91 3.02 1.51 2.08
N HIS A 92 1.71 1.48 1.90
CA HIS A 92 0.82 0.92 2.92
C HIS A 92 -0.57 0.75 2.33
N VAL A 93 -1.37 -0.07 2.99
CA VAL A 93 -2.74 -0.30 2.56
C VAL A 93 -3.61 0.32 3.65
N SER A 94 -4.68 1.00 3.24
CA SER A 94 -5.57 1.64 4.20
C SER A 94 -6.44 0.64 4.94
N GLY A 95 -6.92 1.04 6.11
CA GLY A 95 -7.75 0.18 6.94
C GLY A 95 -7.62 0.58 8.39
N ASN A 96 -8.64 0.28 9.20
CA ASN A 96 -8.63 0.63 10.61
C ASN A 96 -8.84 -0.56 11.52
N VAL A 97 -8.25 -0.50 12.69
CA VAL A 97 -8.46 -1.55 13.67
C VAL A 97 -9.46 -0.95 14.66
N GLY A 98 -9.00 -0.62 15.87
CA GLY A 98 -9.88 -0.08 16.89
C GLY A 98 -10.36 1.37 16.78
N THR A 99 -9.70 2.20 16.00
CA THR A 99 -10.11 3.59 15.87
C THR A 99 -10.07 4.08 14.42
N ALA A 100 -11.01 4.95 14.07
CA ALA A 100 -11.07 5.50 12.72
C ALA A 100 -11.04 7.03 12.80
N ASP A 101 -9.93 7.57 13.29
CA ASP A 101 -9.79 9.02 13.43
C ASP A 101 -9.46 9.75 12.14
N PHE A 102 -8.98 9.03 11.12
CA PHE A 102 -8.65 9.68 9.88
C PHE A 102 -9.16 8.99 8.63
N GLY A 103 -10.48 8.83 8.60
CA GLY A 103 -11.14 8.21 7.46
C GLY A 103 -11.57 6.77 7.65
N GLY A 104 -12.57 6.36 6.89
CA GLY A 104 -13.06 5.00 6.95
C GLY A 104 -13.89 4.65 8.16
N LYS A 105 -14.10 3.35 8.35
CA LYS A 105 -14.89 2.81 9.45
C LYS A 105 -14.05 1.93 10.36
N PRO A 106 -14.45 1.79 11.63
CA PRO A 106 -13.69 0.96 12.57
C PRO A 106 -13.65 -0.49 12.11
N TYR A 107 -12.61 -1.21 12.48
CA TYR A 107 -12.46 -2.62 12.14
C TYR A 107 -12.84 -2.96 10.71
N SER A 108 -12.45 -2.11 9.77
CA SER A 108 -12.72 -2.32 8.36
C SER A 108 -11.39 -2.18 7.61
N LEU A 109 -11.14 -3.08 6.68
CA LEU A 109 -9.89 -3.08 5.93
C LEU A 109 -10.11 -2.97 4.41
N ALA A 110 -9.23 -2.26 3.73
CA ALA A 110 -9.32 -2.14 2.29
C ALA A 110 -8.64 -3.35 1.67
N LYS A 111 -9.06 -3.74 0.48
CA LYS A 111 -8.46 -4.87 -0.20
C LYS A 111 -7.03 -4.50 -0.63
N PRO A 112 -6.02 -5.24 -0.17
CA PRO A 112 -4.64 -4.92 -0.55
C PRO A 112 -4.28 -5.41 -1.96
N SER A 113 -3.11 -5.01 -2.44
CA SER A 113 -2.62 -5.43 -3.76
C SER A 113 -1.15 -5.79 -3.51
N PRO A 114 -0.92 -6.91 -2.79
CA PRO A 114 0.40 -7.44 -2.42
C PRO A 114 1.44 -7.60 -3.52
N GLN A 115 1.02 -8.10 -4.67
CA GLN A 115 1.96 -8.30 -5.78
C GLN A 115 2.50 -6.98 -6.33
N THR A 116 1.59 -6.06 -6.64
CA THR A 116 1.99 -4.78 -7.18
C THR A 116 2.79 -3.97 -6.18
N MET A 117 2.39 -4.03 -4.92
CA MET A 117 3.13 -3.32 -3.88
C MET A 117 4.58 -3.81 -3.91
N LYS A 118 4.75 -5.12 -4.02
CA LYS A 118 6.09 -5.73 -4.05
C LYS A 118 6.89 -5.29 -5.27
N ASN A 119 6.28 -5.38 -6.45
CA ASN A 119 6.97 -4.99 -7.68
C ASN A 119 7.34 -3.52 -7.65
N TYR A 120 6.49 -2.71 -7.03
CA TYR A 120 6.75 -1.29 -6.89
C TYR A 120 7.99 -1.08 -6.03
N VAL A 121 8.03 -1.74 -4.87
CA VAL A 121 9.15 -1.59 -3.95
C VAL A 121 10.48 -2.01 -4.56
N LEU A 122 10.49 -3.11 -5.30
CA LEU A 122 11.73 -3.57 -5.91
C LEU A 122 12.18 -2.62 -7.02
N ALA A 123 11.22 -2.03 -7.73
CA ALA A 123 11.52 -1.08 -8.80
C ALA A 123 12.02 0.23 -8.20
N LEU A 124 11.55 0.53 -6.99
CA LEU A 124 11.98 1.74 -6.29
C LEU A 124 13.40 1.53 -5.77
N ARG A 125 13.62 0.38 -5.14
CA ARG A 125 14.93 0.04 -4.59
C ARG A 125 16.01 0.24 -5.65
N GLU A 126 15.70 -0.17 -6.88
CA GLU A 126 16.63 -0.05 -7.99
C GLU A 126 17.01 1.40 -8.31
N ARG A 127 16.16 2.34 -7.92
CA ARG A 127 16.39 3.76 -8.20
C ARG A 127 16.67 4.63 -6.97
N LEU A 128 16.57 4.05 -5.78
CA LEU A 128 16.76 4.82 -4.55
C LEU A 128 18.03 5.67 -4.46
N ASP A 129 19.11 5.21 -5.09
CA ASP A 129 20.37 5.97 -5.02
C ASP A 129 20.34 7.29 -5.79
N ARG A 130 19.28 7.51 -6.55
CA ARG A 130 19.15 8.76 -7.31
C ARG A 130 18.79 9.88 -6.34
N LYS A 131 18.18 9.50 -5.22
CA LYS A 131 17.78 10.45 -4.17
C LYS A 131 18.35 9.93 -2.87
N PRO A 132 19.68 10.03 -2.69
CA PRO A 132 20.41 9.58 -1.51
C PRO A 132 19.86 10.07 -0.16
N GLU A 133 19.28 11.26 -0.15
CA GLU A 133 18.75 11.81 1.11
C GLU A 133 17.43 11.16 1.51
N PHE A 134 16.87 10.35 0.61
CA PHE A 134 15.61 9.68 0.88
C PHE A 134 15.79 8.23 1.31
N GLU A 135 14.84 7.74 2.08
CA GLU A 135 14.88 6.36 2.55
C GLU A 135 13.52 5.74 2.29
N PHE A 136 13.50 4.44 2.04
CA PHE A 136 12.22 3.75 1.82
C PHE A 136 11.78 3.05 3.09
N THR A 137 10.48 3.00 3.30
CA THR A 137 9.93 2.32 4.46
C THR A 137 8.48 1.97 4.25
N MET A 138 8.08 0.84 4.81
CA MET A 138 6.69 0.43 4.74
C MET A 138 6.02 1.20 5.87
N GLU A 139 4.71 1.28 5.81
CA GLU A 139 3.91 1.90 6.86
C GLU A 139 2.92 0.81 7.19
N VAL A 140 2.57 0.66 8.47
CA VAL A 140 1.60 -0.36 8.84
C VAL A 140 0.25 0.07 8.27
N THR A 141 -0.73 -0.83 8.33
CA THR A 141 -2.07 -0.51 7.86
C THR A 141 -2.66 0.52 8.80
N HIS A 142 -3.19 1.60 8.25
CA HIS A 142 -3.80 2.66 9.05
C HIS A 142 -4.50 3.69 8.17
N HIS A 143 -5.41 4.44 8.78
CA HIS A 143 -6.18 5.49 8.13
C HIS A 143 -7.10 5.00 7.02
N GLY A 144 -8.05 5.85 6.64
CA GLY A 144 -8.97 5.51 5.58
C GLY A 144 -8.28 5.64 4.24
N PRO A 145 -8.94 5.31 3.13
CA PRO A 145 -10.31 4.78 3.09
C PRO A 145 -10.34 3.28 3.40
N SER A 146 -11.34 2.84 4.16
CA SER A 146 -11.43 1.42 4.48
C SER A 146 -12.37 0.69 3.55
N GLU A 147 -13.32 1.41 2.96
CA GLU A 147 -14.29 0.79 2.08
C GLU A 147 -13.87 0.75 0.61
N ILE A 148 -12.86 -0.05 0.33
CA ILE A 148 -12.34 -0.22 -1.02
C ILE A 148 -12.29 -1.73 -1.28
N SER A 149 -13.01 -2.18 -2.30
CA SER A 149 -13.07 -3.60 -2.64
C SER A 149 -12.06 -4.01 -3.68
N LYS A 150 -11.68 -3.07 -4.54
CA LYS A 150 -10.68 -3.35 -5.56
C LYS A 150 -9.33 -3.40 -4.87
N PRO A 151 -8.41 -4.26 -5.33
CA PRO A 151 -7.09 -4.32 -4.70
C PRO A 151 -6.47 -2.92 -4.74
N SER A 152 -5.81 -2.51 -3.67
CA SER A 152 -5.21 -1.18 -3.67
C SER A 152 -4.10 -1.00 -2.65
N ALA A 153 -3.43 0.15 -2.75
CA ALA A 153 -2.36 0.51 -1.83
C ALA A 153 -2.03 1.97 -2.06
N PHE A 154 -1.37 2.59 -1.07
CA PHE A 154 -0.96 3.98 -1.16
C PHE A 154 0.54 4.07 -1.37
N TYR A 155 0.94 4.84 -2.37
CA TYR A 155 2.34 5.06 -2.72
C TYR A 155 2.56 6.53 -2.45
N GLU A 156 3.37 6.84 -1.44
CA GLU A 156 3.56 8.22 -1.05
C GLU A 156 4.99 8.74 -0.94
N ILE A 157 5.08 10.05 -0.73
CA ILE A 157 6.33 10.77 -0.57
C ILE A 157 6.18 11.56 0.72
N GLY A 158 7.06 11.34 1.68
CA GLY A 158 7.12 12.43 2.64
C GLY A 158 8.47 12.86 3.17
N SER A 159 8.02 13.79 4.22
CA SER A 159 7.00 13.88 5.26
C SER A 159 6.42 15.28 5.39
N THR A 160 7.03 16.23 4.68
CA THR A 160 6.57 17.62 4.73
C THR A 160 6.44 18.20 3.33
N GLU A 161 6.01 19.46 3.28
CA GLU A 161 5.83 20.18 2.02
C GLU A 161 7.11 20.20 1.19
N GLU A 162 8.25 20.23 1.88
CA GLU A 162 9.53 20.24 1.17
C GLU A 162 9.63 19.03 0.26
N GLU A 163 9.21 17.87 0.76
CA GLU A 163 9.26 16.64 -0.02
C GLU A 163 8.10 16.52 -1.00
N TRP A 164 6.93 17.02 -0.61
CA TRP A 164 5.76 16.94 -1.49
C TRP A 164 5.97 17.72 -2.79
N LYS A 165 6.74 18.80 -2.71
CA LYS A 165 6.99 19.62 -3.89
C LYS A 165 8.22 19.16 -4.67
N ASP A 166 8.90 18.14 -4.14
CA ASP A 166 10.11 17.61 -4.78
C ASP A 166 9.75 16.97 -6.11
N ARG A 167 10.12 17.63 -7.21
CA ARG A 167 9.83 17.15 -8.55
C ARG A 167 10.47 15.80 -8.87
N GLU A 168 11.75 15.65 -8.55
CA GLU A 168 12.44 14.41 -8.84
C GLU A 168 11.96 13.23 -7.99
N ALA A 169 11.58 13.51 -6.75
CA ALA A 169 11.08 12.45 -5.88
C ALA A 169 9.82 11.88 -6.53
N ALA A 170 8.97 12.76 -7.05
CA ALA A 170 7.72 12.34 -7.70
C ALA A 170 8.01 11.59 -8.99
N GLU A 171 9.09 11.98 -9.66
CA GLU A 171 9.48 11.35 -10.91
C GLU A 171 9.99 9.92 -10.65
N VAL A 172 10.70 9.75 -9.53
CA VAL A 172 11.20 8.44 -9.16
C VAL A 172 10.03 7.52 -8.81
N VAL A 173 9.05 8.06 -8.08
CA VAL A 173 7.88 7.28 -7.72
C VAL A 173 7.10 6.88 -8.97
N ALA A 174 6.94 7.83 -9.89
CA ALA A 174 6.22 7.57 -11.14
C ALA A 174 6.87 6.45 -11.93
N GLU A 175 8.20 6.46 -12.01
CA GLU A 175 8.92 5.42 -12.74
C GLU A 175 8.74 4.07 -12.08
N ALA A 176 8.81 4.05 -10.75
CA ALA A 176 8.64 2.79 -10.02
C ALA A 176 7.22 2.28 -10.24
N MET A 177 6.25 3.18 -10.27
CA MET A 177 4.86 2.78 -10.51
C MET A 177 4.70 2.17 -11.90
N LEU A 178 5.31 2.80 -12.90
CA LEU A 178 5.21 2.28 -14.26
C LEU A 178 5.78 0.87 -14.33
N ASP A 179 6.90 0.63 -13.66
CA ASP A 179 7.52 -0.69 -13.64
C ASP A 179 6.61 -1.70 -12.94
N ALA A 180 5.93 -1.25 -11.89
CA ALA A 180 5.03 -2.12 -11.15
C ALA A 180 3.84 -2.47 -12.02
N ILE A 181 3.33 -1.48 -12.72
CA ILE A 181 2.18 -1.67 -13.61
C ILE A 181 2.47 -2.65 -14.75
N ARG A 182 3.70 -2.66 -15.24
CA ARG A 182 4.07 -3.55 -16.34
C ARG A 182 4.61 -4.91 -15.88
N ALA A 183 4.93 -5.02 -14.59
CA ALA A 183 5.50 -6.25 -14.02
C ALA A 183 4.68 -7.51 -14.25
N GLU A 184 5.36 -8.61 -14.54
CA GLU A 184 4.67 -9.86 -14.76
C GLU A 184 4.70 -10.83 -13.58
N LYS A 185 5.71 -10.73 -12.72
CA LYS A 185 5.80 -11.62 -11.58
C LYS A 185 4.71 -11.28 -10.55
N MET A 186 3.79 -12.22 -10.37
CA MET A 186 2.66 -12.06 -9.46
C MET A 186 2.55 -13.24 -8.50
N ASP A 187 3.66 -13.92 -8.24
CA ASP A 187 3.63 -15.08 -7.35
C ASP A 187 4.51 -14.95 -6.12
N TRP A 188 4.65 -13.73 -5.62
CA TRP A 188 5.43 -13.50 -4.41
C TRP A 188 4.62 -14.11 -3.26
N ASN A 189 5.32 -14.61 -2.25
CA ASN A 189 4.67 -15.18 -1.07
C ASN A 189 3.99 -14.01 -0.36
N VAL A 190 2.73 -14.19 0.02
CA VAL A 190 1.96 -13.14 0.67
C VAL A 190 1.70 -13.37 2.15
N ALA A 191 1.96 -12.36 2.96
CA ALA A 191 1.74 -12.49 4.39
C ALA A 191 1.04 -11.28 4.98
N VAL A 192 0.45 -11.48 6.15
CA VAL A 192 -0.16 -10.39 6.89
C VAL A 192 0.89 -10.28 8.00
N GLY A 193 1.29 -9.07 8.35
CA GLY A 193 2.29 -8.93 9.40
C GLY A 193 1.68 -8.44 10.69
N VAL A 194 2.23 -8.91 11.81
CA VAL A 194 1.74 -8.53 13.12
C VAL A 194 2.91 -8.15 14.02
N GLY A 195 2.92 -6.92 14.49
CA GLY A 195 3.98 -6.46 15.37
C GLY A 195 4.81 -5.36 14.75
N GLY A 196 5.56 -4.64 15.59
CA GLY A 196 6.42 -3.58 15.11
C GLY A 196 5.89 -2.17 15.32
N THR A 197 6.77 -1.18 15.13
CA THR A 197 6.39 0.21 15.26
C THR A 197 5.69 0.62 13.96
N HIS A 198 5.14 1.83 13.93
CA HIS A 198 4.40 2.32 12.76
C HIS A 198 5.09 2.24 11.39
N TYR A 199 6.42 2.21 11.39
CA TYR A 199 7.14 2.11 10.13
C TYR A 199 7.60 0.69 9.81
N ALA A 200 7.04 -0.28 10.53
CA ALA A 200 7.34 -1.71 10.33
C ALA A 200 8.74 -2.00 9.80
N PRO A 201 9.76 -1.88 10.67
CA PRO A 201 11.17 -2.13 10.32
C PRO A 201 11.43 -3.53 9.75
N ARG A 202 10.97 -4.56 10.44
CA ARG A 202 11.18 -5.93 9.98
C ARG A 202 10.53 -6.13 8.63
N GLN A 203 9.26 -5.75 8.52
CA GLN A 203 8.51 -5.90 7.27
C GLN A 203 9.17 -5.14 6.11
N THR A 204 9.74 -3.98 6.41
CA THR A 204 10.41 -3.18 5.39
C THR A 204 11.63 -3.96 4.83
N GLU A 205 12.39 -4.56 5.73
CA GLU A 205 13.57 -5.33 5.32
C GLU A 205 13.12 -6.55 4.51
N ILE A 206 12.02 -7.16 4.92
CA ILE A 206 11.48 -8.31 4.22
C ILE A 206 11.02 -7.90 2.81
N MET A 207 10.41 -6.73 2.69
CA MET A 207 9.95 -6.24 1.39
C MET A 207 11.12 -5.96 0.43
N LEU A 208 12.22 -5.46 0.97
CA LEU A 208 13.38 -5.13 0.16
C LEU A 208 14.34 -6.27 -0.18
N THR A 209 14.36 -7.33 0.64
CA THR A 209 15.32 -8.41 0.41
C THR A 209 14.85 -9.85 0.31
N THR A 210 13.55 -10.11 0.43
CA THR A 210 13.06 -11.48 0.35
C THR A 210 12.02 -11.69 -0.76
N THR A 211 11.49 -12.91 -0.83
CA THR A 211 10.48 -13.25 -1.83
C THR A 211 9.09 -13.06 -1.23
N PHE A 212 9.03 -12.36 -0.11
CA PHE A 212 7.77 -12.13 0.59
C PHE A 212 7.24 -10.71 0.41
N THR A 213 5.93 -10.59 0.35
CA THR A 213 5.29 -9.29 0.25
C THR A 213 4.21 -9.33 1.33
N PHE A 214 3.59 -8.19 1.57
CA PHE A 214 2.56 -8.09 2.60
C PHE A 214 1.27 -7.51 2.05
N GLY A 215 0.19 -7.84 2.72
CA GLY A 215 -1.11 -7.29 2.37
C GLY A 215 -1.30 -6.25 3.46
N HIS A 216 -1.75 -6.69 4.62
CA HIS A 216 -1.94 -5.78 5.75
C HIS A 216 -0.84 -6.02 6.79
N ASN A 217 -0.64 -5.02 7.63
CA ASN A 217 0.37 -5.07 8.69
C ASN A 217 -0.21 -4.33 9.87
N PHE A 218 -0.10 -4.92 11.06
CA PHE A 218 -0.65 -4.29 12.25
C PHE A 218 0.42 -3.98 13.30
N ALA A 219 0.52 -2.70 13.64
CA ALA A 219 1.50 -2.23 14.61
C ALA A 219 1.19 -2.68 16.02
N LYS A 220 2.20 -2.63 16.87
CA LYS A 220 2.06 -3.01 18.26
C LYS A 220 0.95 -2.23 18.96
N TYR A 221 0.69 -0.98 18.53
CA TYR A 221 -0.35 -0.20 19.19
C TYR A 221 -1.77 -0.72 18.92
N THR A 222 -1.88 -1.70 18.03
CA THR A 222 -3.18 -2.29 17.71
C THR A 222 -3.44 -3.61 18.45
N PHE A 223 -2.40 -4.17 19.08
CA PHE A 223 -2.53 -5.46 19.77
C PHE A 223 -3.78 -5.68 20.63
N GLU A 224 -4.07 -4.75 21.52
CA GLU A 224 -5.22 -4.87 22.41
C GLU A 224 -6.58 -4.88 21.73
N HIS A 225 -6.64 -4.36 20.51
CA HIS A 225 -7.89 -4.30 19.77
C HIS A 225 -8.04 -5.37 18.70
N LEU A 226 -6.98 -6.14 18.47
CA LEU A 226 -7.02 -7.20 17.47
C LEU A 226 -7.75 -8.42 18.04
N THR A 227 -8.45 -9.14 17.17
CA THR A 227 -9.14 -10.36 17.57
C THR A 227 -8.71 -11.42 16.56
N ALA A 228 -8.89 -12.69 16.92
CA ALA A 228 -8.53 -13.75 16.01
C ALA A 228 -9.35 -13.64 14.73
N GLU A 229 -10.63 -13.28 14.85
CA GLU A 229 -11.49 -13.16 13.68
C GLU A 229 -11.10 -12.00 12.78
N PHE A 230 -10.65 -10.90 13.37
CA PHE A 230 -10.22 -9.76 12.58
C PHE A 230 -8.99 -10.17 11.76
N LEU A 231 -8.07 -10.89 12.40
CA LEU A 231 -6.87 -11.33 11.70
C LEU A 231 -7.22 -12.28 10.56
N VAL A 232 -8.23 -13.12 10.76
CA VAL A 232 -8.65 -14.04 9.70
C VAL A 232 -9.18 -13.25 8.51
N LYS A 233 -9.91 -12.17 8.80
CA LYS A 233 -10.46 -11.31 7.76
C LYS A 233 -9.31 -10.66 6.97
N ALA A 234 -8.27 -10.24 7.67
CA ALA A 234 -7.13 -9.60 7.04
C ALA A 234 -6.40 -10.60 6.12
N VAL A 235 -6.17 -11.81 6.64
CA VAL A 235 -5.49 -12.85 5.86
C VAL A 235 -6.26 -13.20 4.59
N LYS A 236 -7.56 -13.46 4.72
CA LYS A 236 -8.37 -13.81 3.56
C LYS A 236 -8.45 -12.67 2.57
N LEU A 237 -8.56 -11.44 3.08
CA LEU A 237 -8.63 -10.26 2.23
C LEU A 237 -7.32 -10.08 1.47
N SER A 238 -6.21 -10.32 2.15
CA SER A 238 -4.88 -10.19 1.56
C SER A 238 -4.52 -11.36 0.66
N GLU A 239 -5.28 -12.45 0.75
CA GLU A 239 -5.01 -13.67 -0.01
C GLU A 239 -3.66 -14.21 0.45
N ALA A 240 -3.38 -14.00 1.74
CA ALA A 240 -2.14 -14.44 2.35
C ALA A 240 -2.13 -15.91 2.71
N GLU A 241 -0.94 -16.51 2.64
CA GLU A 241 -0.78 -17.91 3.01
C GLU A 241 0.06 -17.98 4.27
N TYR A 242 0.39 -16.81 4.82
CA TYR A 242 1.23 -16.74 6.02
C TYR A 242 0.94 -15.52 6.89
N ILE A 243 1.37 -15.62 8.14
CA ILE A 243 1.29 -14.51 9.08
C ILE A 243 2.72 -14.43 9.58
N ILE A 244 3.35 -13.27 9.42
CA ILE A 244 4.71 -13.10 9.90
C ILE A 244 4.65 -12.24 11.16
N ILE A 245 5.38 -12.64 12.19
CA ILE A 245 5.37 -11.88 13.44
C ILE A 245 6.73 -11.25 13.70
N ASP A 246 6.72 -10.07 14.31
CA ASP A 246 7.94 -9.38 14.68
C ASP A 246 8.16 -9.95 16.08
N GLU A 247 8.89 -11.05 16.15
CA GLU A 247 9.16 -11.75 17.40
C GLU A 247 9.64 -10.90 18.58
N LYS A 248 10.15 -9.72 18.30
CA LYS A 248 10.63 -8.85 19.37
C LYS A 248 9.55 -7.86 19.78
N SER A 249 8.47 -7.80 19.00
CA SER A 249 7.38 -6.88 19.26
C SER A 249 6.14 -7.56 19.85
N VAL A 250 5.79 -8.72 19.31
CA VAL A 250 4.61 -9.45 19.78
C VAL A 250 4.78 -10.04 21.18
N ASN A 251 3.71 -10.00 21.96
CA ASN A 251 3.73 -10.58 23.30
C ASN A 251 2.96 -11.89 23.24
N SER A 252 2.99 -12.65 24.32
CA SER A 252 2.28 -13.94 24.34
C SER A 252 0.78 -13.80 24.12
N ALA A 253 0.22 -12.66 24.51
CA ALA A 253 -1.21 -12.44 24.34
C ALA A 253 -1.57 -12.35 22.87
N VAL A 254 -0.84 -11.53 22.12
CA VAL A 254 -1.12 -11.39 20.70
C VAL A 254 -0.71 -12.64 19.92
N LYS A 255 0.32 -13.35 20.39
CA LYS A 255 0.75 -14.57 19.71
C LYS A 255 -0.37 -15.61 19.77
N LYS A 256 -1.16 -15.55 20.83
CA LYS A 256 -2.27 -16.49 20.99
C LYS A 256 -3.32 -16.27 19.90
N ILE A 257 -3.72 -15.02 19.69
CA ILE A 257 -4.73 -14.75 18.67
C ILE A 257 -4.15 -14.95 17.28
N VAL A 258 -2.85 -14.74 17.13
CA VAL A 258 -2.20 -14.97 15.84
C VAL A 258 -2.31 -16.45 15.51
N ASN A 259 -1.94 -17.30 16.47
CA ASN A 259 -2.01 -18.75 16.28
C ASN A 259 -3.45 -19.20 16.05
N GLU A 260 -4.39 -18.56 16.74
CA GLU A 260 -5.79 -18.88 16.57
C GLU A 260 -6.18 -18.60 15.12
N ALA A 261 -5.85 -17.40 14.65
CA ALA A 261 -6.14 -16.97 13.29
C ALA A 261 -5.48 -17.87 12.26
N ALA A 262 -4.23 -18.23 12.50
CA ALA A 262 -3.50 -19.09 11.58
C ALA A 262 -4.23 -20.42 11.41
N GLU A 263 -4.67 -21.01 12.53
CA GLU A 263 -5.38 -22.29 12.50
C GLU A 263 -6.70 -22.20 11.74
N VAL A 264 -7.50 -21.18 12.07
CA VAL A 264 -8.80 -21.02 11.43
C VAL A 264 -8.71 -20.74 9.94
N ALA A 265 -7.71 -19.97 9.52
CA ALA A 265 -7.53 -19.64 8.11
C ALA A 265 -6.67 -20.67 7.38
N GLY A 266 -6.02 -21.55 8.13
CA GLY A 266 -5.19 -22.57 7.50
C GLY A 266 -3.90 -22.03 6.93
N VAL A 267 -3.28 -21.06 7.60
CA VAL A 267 -2.04 -20.50 7.11
C VAL A 267 -0.92 -20.74 8.12
N GLU A 268 0.33 -20.57 7.68
CA GLU A 268 1.48 -20.80 8.53
C GLU A 268 2.06 -19.53 9.16
N VAL A 269 2.44 -19.64 10.44
CA VAL A 269 3.04 -18.51 11.16
C VAL A 269 4.57 -18.62 11.08
N LEU A 270 5.22 -17.53 10.70
CA LEU A 270 6.68 -17.48 10.59
C LEU A 270 7.29 -16.28 11.32
N LYS A 271 8.42 -16.48 11.97
CA LYS A 271 9.11 -15.40 12.66
C LYS A 271 9.86 -14.58 11.61
N SER A 272 9.89 -13.27 11.76
CA SER A 272 10.55 -12.38 10.79
C SER A 272 12.01 -12.73 10.52
N LYS A 273 12.72 -13.19 11.54
CA LYS A 273 14.12 -13.55 11.37
C LYS A 273 14.26 -14.75 10.44
N LYS A 274 13.35 -15.71 10.57
CA LYS A 274 13.38 -16.91 9.74
C LYS A 274 13.08 -16.54 8.28
N VAL A 275 12.15 -15.61 8.09
CA VAL A 275 11.78 -15.17 6.74
C VAL A 275 12.97 -14.49 6.07
N LYS A 276 13.61 -13.58 6.79
CA LYS A 276 14.77 -12.86 6.27
C LYS A 276 15.92 -13.80 5.92
N LYS A 277 16.03 -14.91 6.65
CA LYS A 277 17.09 -15.87 6.43
C LYS A 277 16.82 -16.93 5.36
N ASP A 278 15.63 -17.53 5.37
CA ASP A 278 15.31 -18.57 4.42
C ASP A 278 14.65 -18.15 3.11
N PHE A 279 14.34 -16.86 2.95
CA PHE A 279 13.68 -16.41 1.73
C PHE A 279 14.33 -15.22 1.02
N ARG A 280 15.66 -15.15 1.05
CA ARG A 280 16.37 -14.05 0.41
C ARG A 280 16.25 -14.04 -1.11
N LEU A 281 16.43 -12.87 -1.65
CA LEU A 281 16.41 -12.72 -3.09
C LEU A 281 17.89 -12.70 -3.53
N VAL A 282 18.48 -13.25 -4.08
CA VAL A 282 19.27 -12.74 -5.25
C VAL A 282 19.56 -13.90 -6.19
#